data_8WQ5
#
_entry.id   8WQ5
#
_cell.length_a   42.403
_cell.length_b   83.767
_cell.length_c   77.762
_cell.angle_alpha   90.00
_cell.angle_beta   96.87
_cell.angle_gamma   90.00
#
_symmetry.space_group_name_H-M   'P 1 21 1'
#
loop_
_entity.id
_entity.type
_entity.pdbx_description
1 polymer 'RNA-binding protein 45'
2 polymer "DNA (5'-D(*GP*AP*CP*GP*CP*AP*G)-3')"
3 non-polymer GLYCEROL
4 water water
#
loop_
_entity_poly.entity_id
_entity_poly.type
_entity_poly.pdbx_seq_one_letter_code
_entity_poly.pdbx_strand_id
1 'polypeptide(L)'
;MQIQTDVVLPSCKKKAPAETPVKERLFIVFNPHPLPLDVLEDIFCRFGNLIEVYLVSGKNVGYAKYADRISANDAIATLH
GKILNGVRLKVMLADSPREESNKRQRTYLEHHHHHH
;
A,B,C,D
2 'polydeoxyribonucleotide' (DG)(DA)(DC)(DG)(DC)(DA)(DG) E,F,G,H
#
# COMPACT_ATOMS: atom_id res chain seq x y z
N MET A 1 13.85 -26.01 -7.97
CA MET A 1 13.12 -27.22 -7.57
C MET A 1 11.71 -26.90 -7.10
N GLN A 2 10.84 -27.91 -7.10
CA GLN A 2 9.48 -27.68 -6.66
C GLN A 2 9.44 -27.34 -5.17
N ILE A 3 8.59 -26.38 -4.82
CA ILE A 3 8.38 -25.95 -3.44
C ILE A 3 7.14 -26.65 -2.90
N GLN A 4 7.20 -27.08 -1.64
CA GLN A 4 6.04 -27.68 -0.99
C GLN A 4 5.16 -26.57 -0.43
N THR A 5 4.08 -26.27 -1.16
CA THR A 5 3.21 -25.14 -0.89
C THR A 5 1.97 -25.34 -1.74
N ASP A 6 0.87 -24.75 -1.31
CA ASP A 6 -0.31 -24.68 -2.17
C ASP A 6 -0.48 -23.29 -2.77
N VAL A 7 0.50 -22.41 -2.57
CA VAL A 7 0.55 -21.15 -3.31
C VAL A 7 0.92 -21.42 -4.75
N VAL A 8 0.22 -20.76 -5.67
CA VAL A 8 0.61 -20.82 -7.09
C VAL A 8 1.78 -19.87 -7.28
N LEU A 9 2.94 -20.41 -7.62
CA LEU A 9 4.15 -19.64 -7.85
C LEU A 9 4.45 -19.53 -9.34
N PRO A 10 5.04 -18.43 -9.78
CA PRO A 10 5.59 -18.39 -11.14
C PRO A 10 6.74 -19.37 -11.27
N SER A 11 7.07 -19.69 -12.52
CA SER A 11 8.22 -20.52 -12.81
C SER A 11 9.51 -19.83 -12.39
N CYS A 12 10.56 -20.63 -12.19
CA CYS A 12 11.87 -20.07 -11.89
C CYS A 12 12.34 -19.12 -12.99
N LYS A 13 12.98 -18.03 -12.59
CA LYS A 13 13.56 -17.05 -13.49
C LYS A 13 15.06 -16.94 -13.22
N LYS A 14 15.80 -16.52 -14.24
CA LYS A 14 17.20 -16.17 -14.02
C LYS A 14 17.32 -15.06 -12.99
N LYS A 15 18.38 -15.14 -12.19
CA LYS A 15 18.69 -14.01 -11.32
C LYS A 15 19.23 -12.83 -12.15
N ALA A 16 19.16 -11.65 -11.56
CA ALA A 16 19.85 -10.51 -12.13
C ALA A 16 21.36 -10.71 -12.00
N PRO A 17 22.14 -10.13 -12.92
CA PRO A 17 23.60 -10.14 -12.74
C PRO A 17 23.98 -9.57 -11.38
N ALA A 18 25.05 -10.12 -10.80
CA ALA A 18 25.38 -9.83 -9.41
C ALA A 18 25.65 -8.35 -9.18
N GLU A 19 26.19 -7.65 -10.17
CA GLU A 19 26.55 -6.24 -10.00
C GLU A 19 25.41 -5.30 -10.36
N THR A 20 24.20 -5.80 -10.58
CA THR A 20 23.07 -4.95 -10.87
C THR A 20 22.69 -4.15 -9.62
N PRO A 21 22.51 -2.83 -9.71
CA PRO A 21 22.14 -2.05 -8.52
C PRO A 21 20.77 -2.44 -7.98
N VAL A 22 20.66 -2.45 -6.66
CA VAL A 22 19.40 -2.79 -6.01
C VAL A 22 18.41 -1.64 -6.18
N LYS A 23 17.18 -1.97 -6.56
CA LYS A 23 16.10 -1.00 -6.58
C LYS A 23 15.06 -1.20 -5.49
N GLU A 24 14.96 -2.40 -4.92
CA GLU A 24 14.05 -2.62 -3.81
C GLU A 24 14.55 -3.79 -2.99
N ARG A 25 14.56 -3.63 -1.66
CA ARG A 25 14.92 -4.72 -0.75
C ARG A 25 13.71 -5.09 0.10
N LEU A 26 13.48 -6.39 0.25
CA LEU A 26 12.39 -6.92 1.06
C LEU A 26 12.93 -7.46 2.38
N PHE A 27 12.15 -7.27 3.43
CA PHE A 27 12.39 -7.82 4.75
C PHE A 27 11.49 -9.03 4.95
N ILE A 28 12.07 -10.15 5.37
CA ILE A 28 11.37 -11.43 5.47
C ILE A 28 11.43 -11.89 6.92
N VAL A 29 10.27 -12.25 7.48
CA VAL A 29 10.19 -12.83 8.81
C VAL A 29 9.76 -14.28 8.66
N PHE A 30 10.46 -15.18 9.34
CA PHE A 30 10.18 -16.61 9.31
C PHE A 30 9.52 -17.07 10.60
N ASN A 31 8.55 -17.97 10.47
CA ASN A 31 7.90 -18.59 11.61
C ASN A 31 7.64 -20.05 11.27
N PRO A 32 8.23 -21.02 12.01
CA PRO A 32 8.97 -20.84 13.27
C PRO A 32 10.50 -20.73 13.14
N HIS A 33 11.05 -21.02 11.96
CA HIS A 33 12.49 -21.03 11.77
C HIS A 33 12.79 -20.66 10.32
N PRO A 34 14.01 -20.22 10.02
CA PRO A 34 14.33 -19.83 8.64
C PRO A 34 14.35 -21.02 7.69
N LEU A 35 14.16 -20.71 6.42
CA LEU A 35 14.30 -21.69 5.35
C LEU A 35 15.75 -21.78 4.91
N PRO A 36 16.14 -22.90 4.28
CA PRO A 36 17.50 -22.99 3.71
C PRO A 36 17.72 -21.94 2.64
N LEU A 37 18.98 -21.50 2.52
CA LEU A 37 19.32 -20.43 1.59
C LEU A 37 18.94 -20.81 0.15
N ASP A 38 19.25 -22.04 -0.27
CA ASP A 38 18.93 -22.43 -1.64
CA ASP A 38 18.93 -22.43 -1.64
C ASP A 38 17.42 -22.49 -1.87
N VAL A 39 16.65 -22.87 -0.84
CA VAL A 39 15.20 -22.87 -0.96
C VAL A 39 14.67 -21.45 -1.07
N LEU A 40 15.25 -20.53 -0.29
CA LEU A 40 14.81 -19.14 -0.36
C LEU A 40 15.09 -18.54 -1.73
N GLU A 41 16.26 -18.80 -2.30
CA GLU A 41 16.56 -18.32 -3.64
C GLU A 41 15.60 -18.91 -4.66
N ASP A 42 15.25 -20.19 -4.49
CA ASP A 42 14.24 -20.83 -5.32
C ASP A 42 12.93 -20.05 -5.29
N ILE A 43 12.41 -19.78 -4.10
CA ILE A 43 11.14 -19.09 -3.98
C ILE A 43 11.22 -17.70 -4.57
N PHE A 44 12.25 -16.93 -4.21
CA PHE A 44 12.25 -15.52 -4.56
C PHE A 44 12.73 -15.25 -5.98
N CYS A 45 13.46 -16.18 -6.62
CA CYS A 45 13.87 -15.93 -8.00
C CYS A 45 12.70 -15.97 -8.97
N ARG A 46 11.56 -16.55 -8.56
CA ARG A 46 10.45 -16.78 -9.48
C ARG A 46 9.76 -15.48 -9.87
N PHE A 47 10.00 -14.39 -9.13
CA PHE A 47 9.38 -13.12 -9.43
C PHE A 47 10.24 -12.26 -10.36
N GLY A 48 11.39 -12.79 -10.77
CA GLY A 48 12.28 -12.12 -11.70
C GLY A 48 13.16 -11.07 -11.04
N ASN A 49 14.31 -10.79 -11.65
CA ASN A 49 15.18 -9.69 -11.25
C ASN A 49 15.72 -9.84 -9.84
N LEU A 50 15.74 -11.05 -9.30
CA LEU A 50 16.35 -11.26 -7.98
C LEU A 50 17.86 -11.12 -8.06
N ILE A 51 18.43 -10.29 -7.17
CA ILE A 51 19.88 -10.19 -7.06
C ILE A 51 20.42 -11.24 -6.09
N GLU A 52 19.86 -11.29 -4.88
CA GLU A 52 20.25 -12.31 -3.91
C GLU A 52 19.29 -12.27 -2.72
N VAL A 53 19.29 -13.38 -1.99
CA VAL A 53 18.64 -13.46 -0.68
CA VAL A 53 18.64 -13.47 -0.69
C VAL A 53 19.72 -13.78 0.35
N TYR A 54 19.56 -13.24 1.55
CA TYR A 54 20.50 -13.59 2.60
C TYR A 54 19.77 -13.62 3.94
N LEU A 55 20.41 -14.27 4.91
CA LEU A 55 19.83 -14.51 6.22
C LEU A 55 20.63 -13.75 7.28
N VAL A 56 20.00 -13.54 8.43
CA VAL A 56 20.67 -12.96 9.59
C VAL A 56 20.82 -14.07 10.61
N SER A 57 22.06 -14.53 10.81
CA SER A 57 22.31 -15.68 11.67
C SER A 57 21.86 -15.42 13.10
N GLY A 58 21.22 -16.42 13.70
CA GLY A 58 20.71 -16.31 15.05
C GLY A 58 19.35 -15.63 15.17
N LYS A 59 18.79 -15.16 14.07
CA LYS A 59 17.51 -14.48 14.06
CA LYS A 59 17.50 -14.49 14.08
C LYS A 59 16.59 -15.17 13.06
N ASN A 60 15.29 -14.87 13.17
CA ASN A 60 14.32 -15.48 12.26
C ASN A 60 13.93 -14.51 11.16
N VAL A 61 14.93 -13.89 10.53
CA VAL A 61 14.69 -12.88 9.50
C VAL A 61 15.71 -13.04 8.38
N GLY A 62 15.39 -12.42 7.25
CA GLY A 62 16.26 -12.42 6.09
C GLY A 62 15.86 -11.27 5.19
N TYR A 63 16.60 -11.11 4.09
CA TYR A 63 16.34 -10.03 3.14
C TYR A 63 16.46 -10.58 1.72
N ALA A 64 15.70 -9.96 0.82
CA ALA A 64 15.76 -10.26 -0.60
C ALA A 64 15.98 -8.96 -1.37
N LYS A 65 17.03 -8.92 -2.18
CA LYS A 65 17.38 -7.73 -2.95
C LYS A 65 16.96 -7.92 -4.40
N TYR A 66 16.17 -6.97 -4.93
CA TYR A 66 15.65 -7.03 -6.28
C TYR A 66 16.16 -5.87 -7.12
N ALA A 67 16.36 -6.15 -8.42
CA ALA A 67 16.75 -5.14 -9.39
C ALA A 67 15.55 -4.45 -10.03
N ASP A 68 14.34 -4.72 -9.56
CA ASP A 68 13.13 -4.22 -10.19
C ASP A 68 12.02 -4.14 -9.15
N ARG A 69 11.35 -2.98 -9.08
CA ARG A 69 10.34 -2.77 -8.05
C ARG A 69 9.10 -3.62 -8.29
N ILE A 70 8.68 -3.77 -9.54
CA ILE A 70 7.49 -4.56 -9.83
C ILE A 70 7.70 -6.02 -9.43
N SER A 71 8.91 -6.55 -9.65
CA SER A 71 9.21 -7.91 -9.24
C SER A 71 9.12 -8.04 -7.73
N ALA A 72 9.70 -7.09 -7.00
CA ALA A 72 9.70 -7.15 -5.55
C ALA A 72 8.28 -7.02 -5.00
N ASN A 73 7.47 -6.13 -5.59
CA ASN A 73 6.10 -5.98 -5.13
C ASN A 73 5.26 -7.20 -5.45
N ASP A 74 5.57 -7.91 -6.54
CA ASP A 74 4.91 -9.18 -6.83
C ASP A 74 5.26 -10.24 -5.79
N ALA A 75 6.51 -10.25 -5.32
CA ALA A 75 6.88 -11.19 -4.26
C ALA A 75 6.10 -10.89 -2.99
N ILE A 76 5.96 -9.61 -2.64
CA ILE A 76 5.17 -9.25 -1.47
C ILE A 76 3.74 -9.77 -1.61
N ALA A 77 3.09 -9.45 -2.72
CA ALA A 77 1.68 -9.80 -2.90
C ALA A 77 1.46 -11.31 -2.90
N THR A 78 2.41 -12.06 -3.44
CA THR A 78 2.24 -13.49 -3.60
C THR A 78 2.62 -14.29 -2.36
N LEU A 79 3.60 -13.82 -1.58
CA LEU A 79 4.18 -14.60 -0.51
C LEU A 79 3.78 -14.17 0.90
N HIS A 80 3.37 -12.91 1.09
CA HIS A 80 3.13 -12.44 2.44
C HIS A 80 2.00 -13.20 3.09
N GLY A 81 2.27 -13.77 4.26
CA GLY A 81 1.27 -14.54 4.98
C GLY A 81 1.12 -15.99 4.56
N LYS A 82 1.94 -16.49 3.64
CA LYS A 82 1.78 -17.82 3.10
C LYS A 82 2.77 -18.80 3.76
N ILE A 83 2.49 -20.09 3.57
CA ILE A 83 3.32 -21.15 4.14
C ILE A 83 4.06 -21.84 3.01
N LEU A 84 5.39 -21.82 3.07
CA LEU A 84 6.22 -22.49 2.08
C LEU A 84 7.18 -23.41 2.79
N ASN A 85 7.18 -24.68 2.39
CA ASN A 85 7.96 -25.73 3.07
C ASN A 85 7.77 -25.67 4.59
N GLY A 86 6.53 -25.49 5.01
CA GLY A 86 6.19 -25.54 6.42
C GLY A 86 6.53 -24.31 7.22
N VAL A 87 6.95 -23.22 6.58
CA VAL A 87 7.34 -21.99 7.26
C VAL A 87 6.42 -20.87 6.79
N ARG A 88 5.80 -20.18 7.74
CA ARG A 88 4.98 -19.02 7.44
C ARG A 88 5.89 -17.81 7.23
N LEU A 89 5.67 -17.10 6.13
CA LEU A 89 6.47 -15.93 5.81
C LEU A 89 5.68 -14.64 6.03
N LYS A 90 6.34 -13.63 6.54
CA LYS A 90 5.96 -12.24 6.35
C LYS A 90 6.94 -11.62 5.37
N VAL A 91 6.43 -10.89 4.38
CA VAL A 91 7.27 -10.29 3.35
C VAL A 91 6.80 -8.86 3.15
N MET A 92 7.72 -7.91 3.31
CA MET A 92 7.35 -6.51 3.28
C MET A 92 8.53 -5.68 2.79
N LEU A 93 8.24 -4.44 2.41
CA LEU A 93 9.31 -3.51 2.06
CA LEU A 93 9.29 -3.48 2.08
C LEU A 93 10.20 -3.28 3.27
N ALA A 94 11.51 -3.43 3.07
CA ALA A 94 12.46 -3.27 4.15
C ALA A 94 12.70 -1.79 4.46
N ASP A 95 12.92 -1.50 5.74
CA ASP A 95 13.43 -0.19 6.12
C ASP A 95 14.88 -0.05 5.69
N SER A 96 15.24 1.16 5.28
CA SER A 96 16.61 1.41 4.85
C SER A 96 17.58 1.17 6.01
N PRO A 97 18.74 0.57 5.75
CA PRO A 97 19.68 0.27 6.84
C PRO A 97 20.26 1.51 7.49
N ARG A 98 20.15 2.67 6.86
CA ARG A 98 20.70 3.90 7.41
C ARG A 98 19.79 5.06 7.01
N GLU A 99 20.15 6.25 7.46
CA GLU A 99 19.40 7.46 7.11
C GLU A 99 19.68 7.84 5.66
N MET B 1 0.78 10.07 36.71
CA MET B 1 2.09 10.70 36.87
CA MET B 1 2.05 10.76 36.89
C MET B 1 2.61 11.24 35.55
N GLN B 2 3.40 12.32 35.60
CA GLN B 2 4.03 12.83 34.39
C GLN B 2 4.92 11.75 33.76
N ILE B 3 4.86 11.66 32.43
CA ILE B 3 5.65 10.73 31.65
C ILE B 3 6.86 11.46 31.10
N GLN B 4 8.02 10.80 31.09
CA GLN B 4 9.23 11.37 30.50
C GLN B 4 9.20 11.11 29.01
N THR B 5 8.79 12.12 28.25
CA THR B 5 8.61 12.02 26.82
C THR B 5 8.52 13.45 26.30
N ASP B 6 8.81 13.63 25.01
CA ASP B 6 8.52 14.90 24.38
C ASP B 6 7.28 14.82 23.50
N VAL B 7 6.55 13.70 23.56
CA VAL B 7 5.23 13.59 22.97
C VAL B 7 4.23 14.36 23.82
N VAL B 8 3.34 15.10 23.16
CA VAL B 8 2.26 15.80 23.86
C VAL B 8 1.12 14.81 24.09
N LEU B 9 0.88 14.46 25.33
CA LEU B 9 -0.17 13.53 25.70
C LEU B 9 -1.39 14.26 26.24
N PRO B 10 -2.57 13.69 26.07
CA PRO B 10 -3.75 14.21 26.77
C PRO B 10 -3.63 13.98 28.27
N SER B 11 -4.46 14.70 29.02
CA SER B 11 -4.51 14.51 30.45
C SER B 11 -5.05 13.11 30.79
N CYS B 12 -4.73 12.66 32.01
CA CYS B 12 -5.24 11.38 32.46
C CYS B 12 -6.75 11.37 32.50
N LYS B 13 -7.35 10.26 32.08
CA LYS B 13 -8.78 10.03 32.14
C LYS B 13 -9.08 8.84 33.04
N LYS B 14 -10.31 8.80 33.56
CA LYS B 14 -10.75 7.62 34.28
C LYS B 14 -10.75 6.42 33.35
N LYS B 15 -10.44 5.26 33.90
CA LYS B 15 -10.62 4.02 33.16
C LYS B 15 -12.11 3.71 33.01
N ALA B 16 -12.43 2.89 32.01
CA ALA B 16 -13.77 2.35 31.91
C ALA B 16 -13.99 1.34 33.02
N PRO B 17 -15.23 1.15 33.48
CA PRO B 17 -15.52 0.10 34.45
C PRO B 17 -15.03 -1.26 33.94
N ALA B 18 -14.58 -2.10 34.87
CA ALA B 18 -13.88 -3.33 34.51
C ALA B 18 -14.75 -4.27 33.68
N GLU B 19 -16.07 -4.24 33.87
CA GLU B 19 -16.97 -5.13 33.15
C GLU B 19 -17.42 -4.57 31.81
N THR B 20 -16.91 -3.42 31.39
CA THR B 20 -17.32 -2.82 30.13
C THR B 20 -16.85 -3.70 28.96
N PRO B 21 -17.72 -3.95 27.97
CA PRO B 21 -17.31 -4.76 26.82
C PRO B 21 -16.17 -4.12 26.03
N VAL B 22 -15.24 -4.96 25.58
CA VAL B 22 -14.11 -4.48 24.77
C VAL B 22 -14.57 -4.21 23.36
N LYS B 23 -14.27 -3.02 22.86
CA LYS B 23 -14.56 -2.68 21.47
C LYS B 23 -13.32 -2.70 20.58
N GLU B 24 -12.13 -2.53 21.15
CA GLU B 24 -10.91 -2.61 20.35
C GLU B 24 -9.75 -2.96 21.26
N ARG B 25 -8.90 -3.88 20.81
CA ARG B 25 -7.68 -4.24 21.52
C ARG B 25 -6.46 -3.86 20.69
N LEU B 26 -5.48 -3.24 21.35
CA LEU B 26 -4.23 -2.86 20.71
C LEU B 26 -3.12 -3.83 21.12
N PHE B 27 -2.22 -4.07 20.17
CA PHE B 27 -0.99 -4.85 20.37
C PHE B 27 0.18 -3.89 20.48
N ILE B 28 1.01 -4.07 21.51
CA ILE B 28 2.09 -3.16 21.84
C ILE B 28 3.40 -3.92 21.80
N VAL B 29 4.38 -3.38 21.08
CA VAL B 29 5.74 -3.93 21.04
C VAL B 29 6.68 -2.94 21.71
N PHE B 30 7.49 -3.43 22.64
CA PHE B 30 8.43 -2.62 23.40
C PHE B 30 9.86 -2.83 22.91
N ASN B 31 10.63 -1.74 22.85
CA ASN B 31 12.04 -1.80 22.51
C ASN B 31 12.78 -0.77 23.38
N PRO B 32 13.71 -1.21 24.26
CA PRO B 32 14.25 -2.57 24.35
C PRO B 32 13.62 -3.50 25.40
N HIS B 33 12.72 -3.00 26.23
CA HIS B 33 12.15 -3.80 27.30
C HIS B 33 10.79 -3.22 27.67
N PRO B 34 9.93 -3.99 28.33
CA PRO B 34 8.59 -3.49 28.67
C PRO B 34 8.65 -2.39 29.72
N LEU B 35 7.62 -1.57 29.72
CA LEU B 35 7.39 -0.59 30.77
C LEU B 35 6.63 -1.21 31.92
N PRO B 36 6.73 -0.64 33.12
CA PRO B 36 5.92 -1.14 34.24
C PRO B 36 4.44 -0.96 33.96
N LEU B 37 3.63 -1.85 34.55
CA LEU B 37 2.19 -1.82 34.32
C LEU B 37 1.57 -0.48 34.72
N ASP B 38 1.98 0.08 35.85
CA ASP B 38 1.39 1.36 36.26
CA ASP B 38 1.39 1.35 36.27
C ASP B 38 1.74 2.47 35.29
N VAL B 39 2.95 2.43 34.73
CA VAL B 39 3.34 3.43 33.72
C VAL B 39 2.52 3.23 32.46
N LEU B 40 2.27 1.98 32.08
CA LEU B 40 1.51 1.70 30.86
C LEU B 40 0.06 2.16 30.99
N GLU B 41 -0.58 1.91 32.14
CA GLU B 41 -1.95 2.38 32.31
C GLU B 41 -2.01 3.90 32.37
N ASP B 42 -0.96 4.52 32.94
CA ASP B 42 -0.79 5.97 32.88
C ASP B 42 -0.83 6.46 31.43
N ILE B 43 0.02 5.88 30.58
CA ILE B 43 0.08 6.31 29.18
C ILE B 43 -1.25 6.07 28.47
N PHE B 44 -1.79 4.87 28.58
CA PHE B 44 -2.93 4.51 27.75
C PHE B 44 -4.27 5.01 28.29
N CYS B 45 -4.36 5.35 29.58
CA CYS B 45 -5.65 5.87 30.07
C CYS B 45 -5.97 7.24 29.52
N ARG B 46 -4.97 7.98 29.03
CA ARG B 46 -5.14 9.36 28.61
C ARG B 46 -6.00 9.51 27.37
N PHE B 47 -6.24 8.42 26.64
CA PHE B 47 -7.04 8.47 25.44
C PHE B 47 -8.50 8.14 25.70
N GLY B 48 -8.84 7.86 26.96
CA GLY B 48 -10.21 7.61 27.33
C GLY B 48 -10.62 6.16 27.14
N ASN B 49 -11.57 5.70 27.94
CA ASN B 49 -12.23 4.42 27.75
C ASN B 49 -11.29 3.23 27.85
N LEU B 50 -10.17 3.38 28.55
CA LEU B 50 -9.24 2.25 28.75
C LEU B 50 -9.84 1.28 29.77
N ILE B 51 -9.93 0.00 29.39
CA ILE B 51 -10.35 -1.03 30.33
C ILE B 51 -9.16 -1.56 31.13
N GLU B 52 -8.09 -1.98 30.45
CA GLU B 52 -6.88 -2.41 31.13
C GLU B 52 -5.76 -2.59 30.11
N VAL B 53 -4.53 -2.61 30.62
CA VAL B 53 -3.34 -3.02 29.89
CA VAL B 53 -3.38 -3.06 29.85
C VAL B 53 -2.77 -4.25 30.57
N TYR B 54 -2.17 -5.14 29.80
CA TYR B 54 -1.49 -6.28 30.40
C TYR B 54 -0.30 -6.68 29.55
N LEU B 55 0.60 -7.43 30.17
CA LEU B 55 1.88 -7.81 29.58
C LEU B 55 1.93 -9.31 29.35
N VAL B 56 2.78 -9.71 28.41
CA VAL B 56 3.10 -11.11 28.17
C VAL B 56 4.49 -11.35 28.73
N SER B 57 4.57 -12.10 29.84
CA SER B 57 5.84 -12.27 30.52
CA SER B 57 5.84 -12.27 30.52
C SER B 57 6.83 -13.05 29.65
N GLY B 58 8.10 -12.66 29.73
CA GLY B 58 9.13 -13.25 28.92
C GLY B 58 9.19 -12.72 27.49
N LYS B 59 8.23 -11.89 27.10
CA LYS B 59 8.20 -11.30 25.78
CA LYS B 59 8.20 -11.30 25.78
C LYS B 59 8.23 -9.78 25.90
N ASN B 60 8.53 -9.11 24.80
CA ASN B 60 8.55 -7.64 24.76
C ASN B 60 7.26 -7.10 24.15
N VAL B 61 6.12 -7.65 24.58
CA VAL B 61 4.82 -7.27 24.02
C VAL B 61 3.78 -7.15 25.13
N GLY B 62 2.70 -6.44 24.82
CA GLY B 62 1.57 -6.31 25.71
C GLY B 62 0.35 -5.93 24.91
N TYR B 63 -0.77 -5.76 25.62
CA TYR B 63 -2.05 -5.44 24.99
C TYR B 63 -2.75 -4.36 25.79
N ALA B 64 -3.53 -3.52 25.10
CA ALA B 64 -4.39 -2.56 25.75
C ALA B 64 -5.82 -2.75 25.25
N LYS B 65 -6.75 -2.93 26.17
CA LYS B 65 -8.15 -3.16 25.84
C LYS B 65 -8.94 -1.87 26.06
N TYR B 66 -9.69 -1.46 25.03
CA TYR B 66 -10.46 -0.22 25.07
C TYR B 66 -11.94 -0.49 24.90
N ALA B 67 -12.76 0.34 25.55
CA ALA B 67 -14.21 0.27 25.44
C ALA B 67 -14.75 1.11 24.28
N ASP B 68 -13.86 1.69 23.47
CA ASP B 68 -14.26 2.65 22.43
C ASP B 68 -13.20 2.61 21.33
N ARG B 69 -13.64 2.43 20.08
CA ARG B 69 -12.68 2.26 18.99
CA ARG B 69 -12.69 2.27 18.97
C ARG B 69 -11.95 3.57 18.68
N ILE B 70 -12.65 4.70 18.75
CA ILE B 70 -12.01 5.98 18.44
C ILE B 70 -10.93 6.31 19.47
N SER B 71 -11.18 6.01 20.74
CA SER B 71 -10.16 6.19 21.78
C SER B 71 -8.93 5.35 21.49
N ALA B 72 -9.13 4.08 21.13
CA ALA B 72 -8.01 3.20 20.83
C ALA B 72 -7.23 3.69 19.62
N ASN B 73 -7.93 4.21 18.61
CA ASN B 73 -7.25 4.71 17.42
C ASN B 73 -6.50 6.00 17.71
N ASP B 74 -7.00 6.81 18.64
CA ASP B 74 -6.24 7.97 19.11
CA ASP B 74 -6.23 7.97 19.08
C ASP B 74 -4.92 7.54 19.73
N ALA B 75 -4.94 6.43 20.47
CA ALA B 75 -3.71 5.94 21.08
C ALA B 75 -2.73 5.46 20.01
N ILE B 76 -3.22 4.76 18.99
CA ILE B 76 -2.34 4.37 17.88
C ILE B 76 -1.71 5.61 17.24
N ALA B 77 -2.55 6.59 16.89
CA ALA B 77 -2.06 7.75 16.15
C ALA B 77 -1.08 8.57 16.96
N THR B 78 -1.25 8.60 18.28
CA THR B 78 -0.41 9.45 19.13
C THR B 78 0.89 8.75 19.54
N LEU B 79 0.84 7.43 19.76
CA LEU B 79 1.93 6.72 20.42
C LEU B 79 2.79 5.87 19.50
N HIS B 80 2.29 5.46 18.34
CA HIS B 80 3.06 4.54 17.51
C HIS B 80 4.38 5.18 17.07
N GLY B 81 5.48 4.49 17.32
CA GLY B 81 6.80 4.97 16.93
C GLY B 81 7.45 5.94 17.89
N LYS B 82 6.83 6.24 19.03
CA LYS B 82 7.32 7.24 19.96
C LYS B 82 8.08 6.59 21.11
N ILE B 83 8.85 7.42 21.82
CA ILE B 83 9.64 6.97 22.97
C ILE B 83 9.03 7.54 24.24
N LEU B 84 8.63 6.65 25.16
CA LEU B 84 8.10 7.06 26.45
C LEU B 84 8.88 6.35 27.55
N ASN B 85 9.38 7.14 28.51
CA ASN B 85 10.24 6.63 29.59
C ASN B 85 11.37 5.77 29.03
N GLY B 86 11.94 6.21 27.91
CA GLY B 86 13.09 5.56 27.33
C GLY B 86 12.82 4.31 26.52
N VAL B 87 11.56 3.98 26.26
CA VAL B 87 11.19 2.77 25.53
C VAL B 87 10.42 3.19 24.28
N ARG B 88 10.88 2.75 23.11
CA ARG B 88 10.13 3.02 21.90
C ARG B 88 8.99 2.03 21.77
N LEU B 89 7.82 2.53 21.42
CA LEU B 89 6.62 1.72 21.30
C LEU B 89 6.25 1.53 19.83
N LYS B 90 5.78 0.33 19.50
CA LYS B 90 4.92 0.10 18.37
C LYS B 90 3.52 -0.16 18.90
N VAL B 91 2.52 0.51 18.33
CA VAL B 91 1.15 0.38 18.81
C VAL B 91 0.26 0.18 17.59
N MET B 92 -0.49 -0.92 17.57
CA MET B 92 -1.24 -1.28 16.37
C MET B 92 -2.49 -2.07 16.77
N LEU B 93 -3.41 -2.20 15.81
CA LEU B 93 -4.58 -3.03 16.03
CA LEU B 93 -4.58 -3.05 16.00
C LEU B 93 -4.16 -4.47 16.26
N ALA B 94 -4.68 -5.08 17.32
CA ALA B 94 -4.36 -6.46 17.62
C ALA B 94 -5.17 -7.40 16.74
N ASP B 95 -4.52 -8.48 16.30
CA ASP B 95 -5.26 -9.58 15.68
C ASP B 95 -6.10 -10.28 16.74
N SER B 96 -7.28 -10.74 16.33
CA SER B 96 -8.14 -11.47 17.24
C SER B 96 -7.44 -12.74 17.72
N PRO B 97 -7.58 -13.10 19.01
CA PRO B 97 -6.90 -14.30 19.52
C PRO B 97 -7.45 -15.59 18.95
N ARG B 98 -8.66 -15.59 18.40
CA ARG B 98 -9.26 -16.78 17.80
C ARG B 98 -9.99 -16.36 16.53
N GLU B 99 -10.48 -17.35 15.80
CA GLU B 99 -11.20 -17.09 14.55
C GLU B 99 -12.48 -16.30 14.81
N MET C 1 -20.94 3.24 -5.01
CA MET C 1 -20.74 2.83 -6.40
C MET C 1 -19.26 2.64 -6.74
N GLN C 2 -18.99 1.75 -7.69
CA GLN C 2 -17.61 1.52 -8.13
C GLN C 2 -17.01 2.81 -8.66
N ILE C 3 -15.74 3.05 -8.32
CA ILE C 3 -14.98 4.22 -8.74
C ILE C 3 -14.07 3.82 -9.89
N GLN C 4 -13.93 4.70 -10.89
CA GLN C 4 -13.05 4.46 -12.02
C GLN C 4 -11.64 4.90 -11.65
N THR C 5 -10.83 3.94 -11.23
CA THR C 5 -9.49 4.19 -10.73
C THR C 5 -8.74 2.86 -10.78
N ASP C 6 -7.42 2.93 -10.82
CA ASP C 6 -6.64 1.71 -10.65
C ASP C 6 -6.01 1.64 -9.26
N VAL C 7 -6.43 2.54 -8.35
CA VAL C 7 -6.09 2.43 -6.93
C VAL C 7 -7.00 1.40 -6.29
N VAL C 8 -6.44 0.57 -5.41
CA VAL C 8 -7.24 -0.38 -4.64
C VAL C 8 -7.84 0.36 -3.46
N LEU C 9 -9.19 0.47 -3.44
CA LEU C 9 -9.88 1.16 -2.36
C LEU C 9 -10.51 0.16 -1.41
N PRO C 10 -10.64 0.52 -0.13
CA PRO C 10 -11.46 -0.29 0.78
C PRO C 10 -12.92 -0.24 0.37
N SER C 11 -13.68 -1.20 0.89
CA SER C 11 -15.12 -1.20 0.64
C SER C 11 -15.79 -0.02 1.33
N CYS C 12 -16.99 0.32 0.86
CA CYS C 12 -17.74 1.40 1.48
C CYS C 12 -18.05 1.10 2.93
N LYS C 13 -17.98 2.14 3.76
CA LYS C 13 -18.32 2.06 5.17
C LYS C 13 -19.44 3.04 5.47
N LYS C 14 -20.16 2.78 6.57
CA LYS C 14 -21.12 3.76 7.05
C LYS C 14 -20.42 5.06 7.42
N LYS C 15 -21.11 6.17 7.20
CA LYS C 15 -20.63 7.43 7.74
C LYS C 15 -20.78 7.44 9.26
N ALA C 16 -19.99 8.28 9.90
CA ALA C 16 -20.18 8.58 11.31
C ALA C 16 -21.49 9.35 11.48
N PRO C 17 -22.15 9.20 12.62
CA PRO C 17 -23.33 10.05 12.90
C PRO C 17 -22.96 11.53 12.79
N ALA C 18 -23.92 12.33 12.30
CA ALA C 18 -23.62 13.72 11.96
C ALA C 18 -23.19 14.54 13.18
N GLU C 19 -23.51 14.11 14.39
CA GLU C 19 -23.13 14.83 15.60
C GLU C 19 -21.85 14.29 16.23
N THR C 20 -21.15 13.37 15.56
CA THR C 20 -19.91 12.84 16.09
C THR C 20 -18.83 13.93 16.05
N PRO C 21 -18.05 14.10 17.13
CA PRO C 21 -17.03 15.14 17.13
C PRO C 21 -16.00 14.94 16.03
N VAL C 22 -15.60 16.04 15.41
CA VAL C 22 -14.57 15.99 14.37
C VAL C 22 -13.20 15.81 15.04
N LYS C 23 -12.46 14.80 14.62
CA LYS C 23 -11.11 14.57 15.09
CA LYS C 23 -11.11 14.58 15.09
C LYS C 23 -10.04 15.06 14.12
N GLU C 24 -10.34 15.08 12.82
CA GLU C 24 -9.36 15.51 11.84
C GLU C 24 -10.09 15.95 10.57
N ARG C 25 -9.61 17.03 9.96
CA ARG C 25 -10.16 17.53 8.71
C ARG C 25 -9.07 17.51 7.65
N LEU C 26 -9.41 17.01 6.47
CA LEU C 26 -8.50 16.95 5.34
C LEU C 26 -8.84 18.04 4.33
N PHE C 27 -7.79 18.59 3.72
CA PHE C 27 -7.90 19.55 2.62
C PHE C 27 -7.63 18.81 1.31
N ILE C 28 -8.50 19.02 0.32
CA ILE C 28 -8.47 18.28 -0.94
C ILE C 28 -8.29 19.27 -2.08
N VAL C 29 -7.34 19.01 -2.97
CA VAL C 29 -7.15 19.80 -4.18
C VAL C 29 -7.48 18.93 -5.38
N PHE C 30 -8.28 19.46 -6.30
CA PHE C 30 -8.72 18.78 -7.50
C PHE C 30 -8.00 19.32 -8.73
N ASN C 31 -7.57 18.41 -9.61
CA ASN C 31 -6.98 18.77 -10.89
C ASN C 31 -7.50 17.82 -11.95
N PRO C 32 -8.23 18.29 -12.97
CA PRO C 32 -8.46 19.69 -13.32
C PRO C 32 -9.75 20.35 -12.80
N HIS C 33 -10.68 19.57 -12.26
CA HIS C 33 -11.95 20.10 -11.80
C HIS C 33 -12.44 19.26 -10.64
N PRO C 34 -13.39 19.76 -9.85
CA PRO C 34 -13.88 18.98 -8.70
C PRO C 34 -14.72 17.79 -9.13
N LEU C 35 -14.71 16.76 -8.29
CA LEU C 35 -15.60 15.63 -8.44
C LEU C 35 -16.98 15.96 -7.91
N PRO C 36 -18.02 15.25 -8.39
CA PRO C 36 -19.36 15.42 -7.80
C PRO C 36 -19.37 15.04 -6.32
N LEU C 37 -20.27 15.69 -5.58
CA LEU C 37 -20.32 15.49 -4.14
C LEU C 37 -20.61 14.03 -3.78
N ASP C 38 -21.55 13.40 -4.48
N ASP C 38 -21.54 13.38 -4.48
CA ASP C 38 -21.85 11.99 -4.20
CA ASP C 38 -21.83 11.99 -4.16
C ASP C 38 -20.64 11.10 -4.48
C ASP C 38 -20.67 11.07 -4.51
N VAL C 39 -19.90 11.39 -5.55
CA VAL C 39 -18.70 10.64 -5.87
C VAL C 39 -17.65 10.83 -4.77
N LEU C 40 -17.53 12.05 -4.26
CA LEU C 40 -16.54 12.32 -3.23
C LEU C 40 -16.89 11.60 -1.92
N GLU C 41 -18.17 11.59 -1.53
CA GLU C 41 -18.52 10.87 -0.32
C GLU C 41 -18.34 9.37 -0.50
N ASP C 42 -18.56 8.86 -1.72
CA ASP C 42 -18.22 7.49 -2.07
C ASP C 42 -16.76 7.19 -1.77
N ILE C 43 -15.85 7.99 -2.34
CA ILE C 43 -14.42 7.76 -2.16
C ILE C 43 -14.04 7.84 -0.68
N PHE C 44 -14.46 8.89 0.00
CA PHE C 44 -13.94 9.14 1.32
C PHE C 44 -14.61 8.33 2.41
N CYS C 45 -15.83 7.81 2.19
CA CYS C 45 -16.46 7.01 3.22
C CYS C 45 -15.74 5.68 3.42
N ARG C 46 -14.95 5.23 2.45
CA ARG C 46 -14.36 3.89 2.48
C ARG C 46 -13.30 3.76 3.56
N PHE C 47 -12.81 4.86 4.10
CA PHE C 47 -11.80 4.81 5.14
C PHE C 47 -12.40 4.80 6.53
N GLY C 48 -13.73 4.83 6.63
CA GLY C 48 -14.41 4.75 7.89
C GLY C 48 -14.55 6.10 8.56
N ASN C 49 -15.57 6.25 9.40
CA ASN C 49 -15.71 7.38 10.30
C ASN C 49 -15.84 8.73 9.58
N LEU C 50 -16.29 8.72 8.32
CA LEU C 50 -16.47 9.97 7.61
C LEU C 50 -17.69 10.70 8.14
N ILE C 51 -17.53 11.97 8.51
CA ILE C 51 -18.67 12.79 8.92
C ILE C 51 -19.31 13.44 7.70
N GLU C 52 -18.52 14.14 6.89
CA GLU C 52 -19.02 14.70 5.64
C GLU C 52 -17.86 15.19 4.78
N VAL C 53 -18.14 15.35 3.50
CA VAL C 53 -17.28 16.06 2.56
CA VAL C 53 -17.29 16.04 2.55
C VAL C 53 -18.06 17.26 2.05
N TYR C 54 -17.34 18.34 1.75
CA TYR C 54 -17.99 19.48 1.15
C TYR C 54 -17.00 20.20 0.24
N LEU C 55 -17.56 21.00 -0.66
CA LEU C 55 -16.81 21.68 -1.71
C LEU C 55 -16.83 23.18 -1.47
N VAL C 56 -15.83 23.85 -2.05
CA VAL C 56 -15.79 25.31 -2.08
C VAL C 56 -16.12 25.72 -3.51
N SER C 57 -17.32 26.27 -3.71
CA SER C 57 -17.77 26.56 -5.07
CA SER C 57 -17.77 26.57 -5.06
CA SER C 57 -17.78 26.58 -5.06
C SER C 57 -16.87 27.61 -5.72
N GLY C 58 -16.62 27.41 -7.02
CA GLY C 58 -15.77 28.31 -7.76
C GLY C 58 -14.29 28.07 -7.58
N LYS C 59 -13.92 27.13 -6.72
CA LYS C 59 -12.52 26.78 -6.51
CA LYS C 59 -12.53 26.78 -6.48
C LYS C 59 -12.34 25.29 -6.71
N ASN C 60 -11.10 24.88 -6.88
CA ASN C 60 -10.80 23.46 -7.10
C ASN C 60 -10.36 22.79 -5.81
N VAL C 61 -11.10 23.05 -4.71
CA VAL C 61 -10.76 22.51 -3.40
C VAL C 61 -12.01 22.02 -2.68
N GLY C 62 -11.78 21.16 -1.68
CA GLY C 62 -12.84 20.69 -0.81
C GLY C 62 -12.23 20.24 0.50
N TYR C 63 -13.10 19.76 1.39
CA TYR C 63 -12.68 19.31 2.70
C TYR C 63 -13.42 18.03 3.06
N ALA C 64 -12.76 17.17 3.84
CA ALA C 64 -13.37 15.97 4.39
C ALA C 64 -13.19 15.96 5.90
N LYS C 65 -14.29 15.83 6.63
CA LYS C 65 -14.27 15.80 8.09
C LYS C 65 -14.38 14.36 8.58
N TYR C 66 -13.43 13.93 9.41
CA TYR C 66 -13.39 12.58 9.95
C TYR C 66 -13.56 12.57 11.46
N ALA C 67 -14.22 11.53 11.96
CA ALA C 67 -14.38 11.30 13.39
C ALA C 67 -13.23 10.49 14.00
N ASP C 68 -12.24 10.12 13.20
CA ASP C 68 -11.20 9.20 13.63
C ASP C 68 -9.90 9.57 12.93
N ARG C 69 -8.80 9.60 13.69
CA ARG C 69 -7.53 10.05 13.13
C ARG C 69 -6.92 9.02 12.18
N ILE C 70 -7.09 7.73 12.50
CA ILE C 70 -6.50 6.69 11.63
C ILE C 70 -7.22 6.65 10.29
N SER C 71 -8.56 6.80 10.32
CA SER C 71 -9.32 6.88 9.08
C SER C 71 -8.83 8.02 8.20
N ALA C 72 -8.62 9.20 8.79
CA ALA C 72 -8.16 10.34 8.01
C ALA C 72 -6.76 10.11 7.47
N ASN C 73 -5.87 9.51 8.27
CA ASN C 73 -4.52 9.23 7.80
C ASN C 73 -4.53 8.20 6.68
N ASP C 74 -5.43 7.22 6.75
CA ASP C 74 -5.53 6.22 5.68
CA ASP C 74 -5.50 6.23 5.68
C ASP C 74 -5.98 6.86 4.37
N ALA C 75 -6.92 7.81 4.44
CA ALA C 75 -7.35 8.52 3.24
C ALA C 75 -6.20 9.27 2.59
N ILE C 76 -5.38 9.94 3.40
CA ILE C 76 -4.21 10.62 2.86
C ILE C 76 -3.29 9.64 2.15
N ALA C 77 -2.93 8.55 2.84
CA ALA C 77 -1.94 7.62 2.30
C ALA C 77 -2.44 6.94 1.04
N THR C 78 -3.75 6.67 0.97
CA THR C 78 -4.31 5.92 -0.15
C THR C 78 -4.60 6.81 -1.35
N LEU C 79 -5.00 8.06 -1.12
CA LEU C 79 -5.54 8.90 -2.19
C LEU C 79 -4.59 9.98 -2.69
N HIS C 80 -3.61 10.41 -1.91
CA HIS C 80 -2.81 11.56 -2.32
C HIS C 80 -2.02 11.25 -3.59
N GLY C 81 -2.18 12.13 -4.59
CA GLY C 81 -1.46 11.98 -5.85
C GLY C 81 -2.09 11.02 -6.84
N LYS C 82 -3.26 10.48 -6.53
CA LYS C 82 -3.90 9.46 -7.35
C LYS C 82 -5.01 10.06 -8.19
N ILE C 83 -5.39 9.33 -9.24
CA ILE C 83 -6.43 9.76 -10.17
C ILE C 83 -7.68 8.93 -9.91
N LEU C 84 -8.78 9.59 -9.59
CA LEU C 84 -10.06 8.92 -9.42
C LEU C 84 -11.10 9.61 -10.29
N ASN C 85 -11.80 8.84 -11.11
CA ASN C 85 -12.77 9.35 -12.07
C ASN C 85 -12.19 10.49 -12.91
N GLY C 86 -10.92 10.33 -13.30
CA GLY C 86 -10.28 11.29 -14.18
C GLY C 86 -9.78 12.55 -13.53
N VAL C 87 -9.78 12.62 -12.19
CA VAL C 87 -9.32 13.81 -11.47
C VAL C 87 -8.19 13.39 -10.55
N ARG C 88 -7.06 14.09 -10.65
CA ARG C 88 -5.96 13.84 -9.73
C ARG C 88 -6.20 14.60 -8.44
N LEU C 89 -5.99 13.94 -7.31
CA LEU C 89 -6.23 14.54 -6.00
C LEU C 89 -4.92 14.83 -5.29
N LYS C 90 -4.90 15.94 -4.56
CA LYS C 90 -3.99 16.15 -3.45
C LYS C 90 -4.81 16.05 -2.18
N VAL C 91 -4.32 15.30 -1.20
CA VAL C 91 -5.04 15.08 0.05
C VAL C 91 -4.07 15.26 1.20
N MET C 92 -4.38 16.17 2.12
CA MET C 92 -3.46 16.50 3.20
C MET C 92 -4.24 16.97 4.41
N LEU C 93 -3.56 16.99 5.56
CA LEU C 93 -4.15 17.59 6.74
CA LEU C 93 -4.12 17.60 6.76
C LEU C 93 -4.47 19.06 6.49
N ALA C 94 -5.70 19.44 6.83
CA ALA C 94 -6.11 20.83 6.61
C ALA C 94 -5.54 21.74 7.67
N ASP C 95 -5.19 22.96 7.27
CA ASP C 95 -4.91 24.01 8.25
C ASP C 95 -6.20 24.42 8.94
N SER C 96 -6.09 24.74 10.22
CA SER C 96 -7.26 25.17 10.97
C SER C 96 -7.81 26.47 10.38
N PRO C 97 -9.14 26.65 10.35
CA PRO C 97 -9.70 27.88 9.79
C PRO C 97 -9.47 29.12 10.64
N ARG C 98 -9.07 28.97 11.90
CA ARG C 98 -8.76 30.11 12.75
C ARG C 98 -7.56 29.78 13.62
N GLU C 99 -7.10 30.77 14.37
CA GLU C 99 -5.92 30.61 15.21
C GLU C 99 -6.15 29.62 16.34
N MET D 1 6.20 12.28 -24.36
CA MET D 1 5.46 13.24 -23.53
C MET D 1 4.90 12.61 -22.26
N GLN D 2 4.62 13.44 -21.27
CA GLN D 2 4.04 12.94 -20.03
C GLN D 2 2.69 12.29 -20.29
N ILE D 3 2.43 11.19 -19.58
CA ILE D 3 1.16 10.46 -19.65
C ILE D 3 0.37 10.77 -18.39
N GLN D 4 -0.96 10.93 -18.53
CA GLN D 4 -1.83 11.19 -17.38
C GLN D 4 -2.24 9.85 -16.77
N THR D 5 -1.55 9.47 -15.71
CA THR D 5 -1.73 8.18 -15.06
C THR D 5 -1.12 8.28 -13.67
N ASP D 6 -1.58 7.43 -12.77
CA ASP D 6 -0.87 7.29 -11.50
C ASP D 6 -0.02 6.02 -11.47
N VAL D 7 0.16 5.37 -12.63
CA VAL D 7 1.13 4.30 -12.80
C VAL D 7 2.53 4.90 -12.90
N VAL D 8 3.49 4.30 -12.20
CA VAL D 8 4.88 4.67 -12.35
C VAL D 8 5.42 4.02 -13.62
N LEU D 9 5.81 4.83 -14.60
CA LEU D 9 6.32 4.33 -15.86
C LEU D 9 7.81 4.58 -15.98
N PRO D 10 8.53 3.70 -16.70
CA PRO D 10 9.93 4.01 -17.03
C PRO D 10 10.01 5.19 -17.99
N SER D 11 11.21 5.74 -18.09
CA SER D 11 11.46 6.81 -19.03
C SER D 11 11.33 6.31 -20.47
N CYS D 12 11.08 7.25 -21.39
CA CYS D 12 11.03 6.90 -22.81
C CYS D 12 12.35 6.29 -23.26
N LYS D 13 12.25 5.28 -24.12
CA LYS D 13 13.41 4.65 -24.73
C LYS D 13 13.30 4.75 -26.24
N LYS D 14 14.45 4.67 -26.91
CA LYS D 14 14.45 4.56 -28.36
C LYS D 14 13.69 3.31 -28.79
N LYS D 15 13.01 3.42 -29.92
CA LYS D 15 12.48 2.23 -30.56
C LYS D 15 13.61 1.38 -31.12
N ALA D 16 13.32 0.09 -31.31
CA ALA D 16 14.21 -0.75 -32.08
C ALA D 16 14.19 -0.31 -33.54
N PRO D 17 15.30 -0.52 -34.27
CA PRO D 17 15.26 -0.25 -35.72
C PRO D 17 14.12 -1.03 -36.37
N ALA D 18 13.55 -0.43 -37.40
CA ALA D 18 12.31 -0.97 -37.98
C ALA D 18 12.48 -2.39 -38.49
N GLU D 19 13.67 -2.75 -38.98
CA GLU D 19 13.92 -4.05 -39.57
CA GLU D 19 13.88 -4.06 -39.57
C GLU D 19 14.29 -5.12 -38.55
N THR D 20 14.25 -4.79 -37.26
CA THR D 20 14.60 -5.77 -36.23
C THR D 20 13.54 -6.86 -36.14
N PRO D 21 13.91 -8.13 -36.11
CA PRO D 21 12.91 -9.20 -36.04
C PRO D 21 12.08 -9.12 -34.77
N VAL D 22 10.79 -9.45 -34.90
CA VAL D 22 9.89 -9.45 -33.76
C VAL D 22 10.11 -10.71 -32.93
N LYS D 23 10.24 -10.53 -31.62
CA LYS D 23 10.34 -11.66 -30.71
C LYS D 23 9.06 -11.89 -29.90
N GLU D 24 8.22 -10.87 -29.75
CA GLU D 24 6.99 -11.00 -28.98
C GLU D 24 6.02 -9.92 -29.41
N ARG D 25 4.75 -10.29 -29.58
CA ARG D 25 3.70 -9.34 -29.91
C ARG D 25 2.65 -9.35 -28.79
N LEU D 26 2.22 -8.16 -28.38
CA LEU D 26 1.20 -8.00 -27.35
C LEU D 26 -0.14 -7.62 -27.98
N PHE D 27 -1.22 -8.15 -27.41
CA PHE D 27 -2.59 -7.80 -27.74
C PHE D 27 -3.11 -6.84 -26.68
N ILE D 28 -3.68 -5.71 -27.11
CA ILE D 28 -4.12 -4.64 -26.23
C ILE D 28 -5.62 -4.44 -26.39
N VAL D 29 -6.35 -4.42 -25.28
CA VAL D 29 -7.78 -4.12 -25.29
C VAL D 29 -7.99 -2.78 -24.61
N PHE D 30 -8.77 -1.90 -25.26
CA PHE D 30 -9.07 -0.57 -24.75
C PHE D 30 -10.50 -0.51 -24.23
N ASN D 31 -10.66 0.15 -23.07
CA ASN D 31 -11.98 0.42 -22.50
C ASN D 31 -12.00 1.85 -21.96
N PRO D 32 -12.85 2.74 -22.48
CA PRO D 32 -13.96 2.52 -23.42
C PRO D 32 -13.66 2.73 -24.91
N HIS D 33 -12.50 3.31 -25.23
CA HIS D 33 -12.17 3.67 -26.60
C HIS D 33 -10.66 3.63 -26.76
N PRO D 34 -10.16 3.53 -28.00
CA PRO D 34 -8.71 3.44 -28.19
C PRO D 34 -8.01 4.75 -27.86
N LEU D 35 -6.73 4.62 -27.52
CA LEU D 35 -5.83 5.74 -27.35
C LEU D 35 -5.27 6.18 -28.71
N PRO D 36 -4.89 7.46 -28.84
CA PRO D 36 -4.25 7.90 -30.08
C PRO D 36 -2.94 7.18 -30.31
N LEU D 37 -2.56 7.04 -31.59
CA LEU D 37 -1.38 6.27 -31.95
C LEU D 37 -0.11 6.83 -31.30
N ASP D 38 0.06 8.16 -31.27
N ASP D 38 0.04 8.15 -31.27
CA ASP D 38 1.27 8.72 -30.70
CA ASP D 38 1.25 8.75 -30.70
C ASP D 38 1.33 8.54 -29.19
C ASP D 38 1.33 8.51 -29.19
N VAL D 39 0.17 8.52 -28.52
CA VAL D 39 0.14 8.24 -27.09
C VAL D 39 0.49 6.79 -26.81
N LEU D 40 0.00 5.88 -27.65
CA LEU D 40 0.30 4.47 -27.48
CA LEU D 40 0.29 4.47 -27.49
C LEU D 40 1.79 4.20 -27.65
N GLU D 41 2.42 4.81 -28.65
CA GLU D 41 3.85 4.63 -28.84
C GLU D 41 4.63 5.20 -27.66
N ASP D 42 4.17 6.33 -27.14
CA ASP D 42 4.73 6.93 -25.94
C ASP D 42 4.73 5.92 -24.78
N ILE D 43 3.57 5.33 -24.51
CA ILE D 43 3.45 4.39 -23.39
C ILE D 43 4.34 3.18 -23.62
N PHE D 44 4.23 2.55 -24.78
CA PHE D 44 4.86 1.25 -24.96
C PHE D 44 6.35 1.34 -25.28
N CYS D 45 6.86 2.49 -25.72
CA CYS D 45 8.30 2.59 -25.98
C CYS D 45 9.11 2.56 -24.68
N ARG D 46 8.47 2.83 -23.54
CA ARG D 46 9.21 2.99 -22.29
C ARG D 46 9.78 1.68 -21.78
N PHE D 47 9.31 0.56 -22.31
CA PHE D 47 9.82 -0.74 -21.88
C PHE D 47 11.00 -1.20 -22.72
N GLY D 48 11.41 -0.40 -23.70
CA GLY D 48 12.54 -0.72 -24.54
C GLY D 48 12.18 -1.67 -25.66
N ASN D 49 12.99 -1.61 -26.72
CA ASN D 49 12.94 -2.59 -27.81
C ASN D 49 11.58 -2.61 -28.52
N LEU D 50 10.82 -1.52 -28.46
CA LEU D 50 9.55 -1.47 -29.20
C LEU D 50 9.83 -1.29 -30.69
N ILE D 51 9.23 -2.15 -31.50
CA ILE D 51 9.29 -1.98 -32.95
C ILE D 51 8.21 -1.04 -33.44
N GLU D 52 6.95 -1.32 -33.09
CA GLU D 52 5.85 -0.44 -33.43
C GLU D 52 4.60 -0.86 -32.65
N VAL D 53 3.66 0.07 -32.56
CA VAL D 53 2.29 -0.20 -32.12
C VAL D 53 1.37 0.13 -33.28
N TYR D 54 0.27 -0.61 -33.40
CA TYR D 54 -0.72 -0.26 -34.40
C TYR D 54 -2.11 -0.61 -33.90
N LEU D 55 -3.11 0.01 -34.53
CA LEU D 55 -4.50 -0.08 -34.11
C LEU D 55 -5.31 -0.85 -35.14
N VAL D 56 -6.44 -1.40 -34.69
CA VAL D 56 -7.40 -2.05 -35.58
C VAL D 56 -8.60 -1.12 -35.67
N SER D 57 -8.74 -0.46 -36.81
CA SER D 57 -9.77 0.56 -36.97
CA SER D 57 -9.78 0.55 -36.98
C SER D 57 -11.17 -0.07 -36.83
N GLY D 58 -12.04 0.64 -36.12
CA GLY D 58 -13.39 0.18 -35.86
C GLY D 58 -13.52 -0.78 -34.71
N LYS D 59 -12.42 -1.19 -34.10
CA LYS D 59 -12.45 -2.08 -32.94
CA LYS D 59 -12.42 -2.10 -32.95
C LYS D 59 -11.73 -1.42 -31.77
N ASN D 60 -11.89 -2.00 -30.60
CA ASN D 60 -11.25 -1.45 -29.40
C ASN D 60 -10.00 -2.24 -29.05
N VAL D 61 -9.14 -2.52 -30.04
CA VAL D 61 -7.96 -3.34 -29.81
C VAL D 61 -6.78 -2.78 -30.60
N GLY D 62 -5.59 -3.21 -30.20
CA GLY D 62 -4.36 -2.89 -30.91
C GLY D 62 -3.31 -3.92 -30.58
N TYR D 63 -2.14 -3.73 -31.17
CA TYR D 63 -1.01 -4.63 -31.00
C TYR D 63 0.28 -3.83 -30.81
N ALA D 64 1.20 -4.42 -30.04
CA ALA D 64 2.53 -3.86 -29.85
C ALA D 64 3.55 -4.94 -30.17
N LYS D 65 4.46 -4.64 -31.10
CA LYS D 65 5.49 -5.59 -31.52
C LYS D 65 6.82 -5.21 -30.86
N TYR D 66 7.45 -6.18 -30.19
CA TYR D 66 8.69 -5.98 -29.47
C TYR D 66 9.81 -6.84 -30.04
N ALA D 67 11.03 -6.32 -29.98
CA ALA D 67 12.22 -7.03 -30.39
C ALA D 67 12.87 -7.80 -29.24
N ASP D 68 12.23 -7.87 -28.09
CA ASP D 68 12.81 -8.47 -26.90
C ASP D 68 11.68 -8.95 -26.00
N ARG D 69 11.75 -10.23 -25.59
CA ARG D 69 10.67 -10.83 -24.79
C ARG D 69 10.56 -10.18 -23.42
N ILE D 70 11.70 -9.84 -22.79
CA ILE D 70 11.66 -9.27 -21.45
C ILE D 70 10.96 -7.91 -21.48
N SER D 71 11.24 -7.10 -22.50
CA SER D 71 10.58 -5.80 -22.62
C SER D 71 9.07 -5.97 -22.75
N ALA D 72 8.64 -6.93 -23.57
CA ALA D 72 7.21 -7.14 -23.75
C ALA D 72 6.55 -7.60 -22.46
N ASN D 73 7.21 -8.49 -21.72
CA ASN D 73 6.67 -8.96 -20.45
C ASN D 73 6.63 -7.85 -19.41
N ASP D 74 7.60 -6.93 -19.46
CA ASP D 74 7.58 -5.78 -18.56
CA ASP D 74 7.59 -5.77 -18.58
C ASP D 74 6.37 -4.90 -18.84
N ALA D 75 6.02 -4.74 -20.12
CA ALA D 75 4.84 -3.95 -20.46
C ALA D 75 3.57 -4.60 -19.92
N ILE D 76 3.46 -5.92 -20.04
CA ILE D 76 2.31 -6.63 -19.47
C ILE D 76 2.23 -6.37 -17.98
N ALA D 77 3.34 -6.58 -17.26
CA ALA D 77 3.33 -6.48 -15.81
C ALA D 77 3.06 -5.06 -15.34
N THR D 78 3.44 -4.05 -16.12
CA THR D 78 3.30 -2.67 -15.70
C THR D 78 1.95 -2.07 -16.08
N LEU D 79 1.37 -2.49 -17.22
CA LEU D 79 0.21 -1.82 -17.79
C LEU D 79 -1.11 -2.57 -17.67
N HIS D 80 -1.08 -3.89 -17.49
CA HIS D 80 -2.33 -4.65 -17.53
C HIS D 80 -3.24 -4.24 -16.39
N GLY D 81 -4.48 -3.89 -16.74
CA GLY D 81 -5.48 -3.48 -15.77
C GLY D 81 -5.39 -2.03 -15.33
N LYS D 82 -4.47 -1.24 -15.89
CA LYS D 82 -4.25 0.12 -15.44
C LYS D 82 -4.95 1.12 -16.36
N ILE D 83 -5.12 2.34 -15.84
CA ILE D 83 -5.76 3.42 -16.58
C ILE D 83 -4.70 4.42 -17.02
N LEU D 84 -4.63 4.67 -18.33
CA LEU D 84 -3.72 5.65 -18.88
C LEU D 84 -4.50 6.59 -19.78
N ASN D 85 -4.35 7.90 -19.54
CA ASN D 85 -5.12 8.93 -20.25
C ASN D 85 -6.60 8.57 -20.30
N GLY D 86 -7.12 8.10 -19.17
CA GLY D 86 -8.54 7.83 -19.02
C GLY D 86 -9.04 6.56 -19.69
N VAL D 87 -8.15 5.68 -20.13
CA VAL D 87 -8.52 4.43 -20.80
C VAL D 87 -7.92 3.27 -20.02
N ARG D 88 -8.76 2.32 -19.61
CA ARG D 88 -8.23 1.11 -18.98
C ARG D 88 -7.74 0.14 -20.04
N LEU D 89 -6.57 -0.45 -19.79
CA LEU D 89 -5.94 -1.36 -20.73
C LEU D 89 -5.97 -2.78 -20.21
N LYS D 90 -6.20 -3.73 -21.11
CA LYS D 90 -5.77 -5.10 -20.96
C LYS D 90 -4.57 -5.32 -21.86
N VAL D 91 -3.52 -5.93 -21.33
CA VAL D 91 -2.30 -6.16 -22.10
C VAL D 91 -1.88 -7.60 -21.85
N MET D 92 -1.73 -8.37 -22.93
CA MET D 92 -1.46 -9.80 -22.83
C MET D 92 -0.69 -10.25 -24.05
N LEU D 93 -0.08 -11.43 -23.94
CA LEU D 93 0.55 -12.05 -25.10
CA LEU D 93 0.55 -12.08 -25.09
C LEU D 93 -0.48 -12.30 -26.18
N ALA D 94 -0.15 -11.89 -27.41
CA ALA D 94 -1.07 -12.06 -28.52
C ALA D 94 -1.04 -13.48 -29.04
N ASP D 95 -2.21 -13.96 -29.47
CA ASP D 95 -2.28 -15.18 -30.28
C ASP D 95 -1.66 -14.92 -31.65
N SER D 96 -0.96 -15.92 -32.16
CA SER D 96 -0.39 -15.80 -33.50
C SER D 96 -1.51 -15.67 -34.53
N PRO D 97 -1.29 -14.90 -35.60
CA PRO D 97 -2.32 -14.79 -36.65
C PRO D 97 -2.57 -16.10 -37.38
N ARG D 98 -1.58 -17.00 -37.42
CA ARG D 98 -1.67 -18.25 -38.14
C ARG D 98 -1.50 -19.42 -37.17
N GLU D 99 -1.54 -20.63 -37.71
CA GLU D 99 -1.37 -21.83 -36.89
C GLU D 99 0.09 -22.01 -36.50
#